data_3TXN
#
_entry.id   3TXN
#
_cell.length_a   161.251
_cell.length_b   161.251
_cell.length_c   42.080
_cell.angle_alpha   90.000
_cell.angle_beta   90.000
_cell.angle_gamma   120.000
#
_symmetry.space_group_name_H-M   'P 61'
#
loop_
_entity.id
_entity.type
_entity.pdbx_description
1 polymer '26S proteasome regulatory complex subunit p42B'
2 non-polymer GLYCEROL
3 non-polymer 'SULFATE ION'
4 water water
#
_entity_poly.entity_id   1
_entity_poly.type   'polypeptide(L)'
_entity_poly.pdbx_seq_one_letter_code
;GVRDQEGAENDEERIRIKEQGILQQGELYKQEGKAKELADLIKVTRPFLSSISKAKAAKLVRSLVDMFLDMDAGTGIEVQ
LCKDCIEWAKQEKRTFLRQSLEARLIALYFDTALYTEALALGAQLLRELKKLDDKNLLVEVQLLESKTYHALSNLPKARA
ALTSARTTANAIYCPPKVQGALDLQSGILHAADERDFKTAFSYFYEAFEGFDSVDSVKALTSLKYMLLCKIMLGQSDDVN
QLVSGKLAITYSGRDIDAMKSVAEASHKRSLADFQAALKEYKKELAEDVIVQAHLGTLYDTMLEQNLCRIIEPYSRVQVA
HVAESIQLPMPQVEKKLSQMILDKKFSGILDQGEGVLIVFEETPVDKTYERVLETIQSMGKVVDTLYQKAKKLS
;
_entity_poly.pdbx_strand_id   A
#
loop_
_chem_comp.id
_chem_comp.type
_chem_comp.name
_chem_comp.formula
GOL non-polymer GLYCEROL 'C3 H8 O3'
SO4 non-polymer 'SULFATE ION' 'O4 S -2'
#
# COMPACT_ATOMS: atom_id res chain seq x y z
N ASN A 10 -33.64 -20.42 -30.09
CA ASN A 10 -33.74 -18.97 -30.38
C ASN A 10 -33.95 -18.13 -29.12
N ASP A 11 -34.41 -18.74 -28.04
CA ASP A 11 -34.62 -17.98 -26.79
C ASP A 11 -33.45 -17.99 -25.81
N GLU A 12 -32.78 -19.13 -25.65
CA GLU A 12 -31.56 -19.18 -24.84
C GLU A 12 -30.49 -18.28 -25.49
N GLU A 13 -30.60 -18.13 -26.81
CA GLU A 13 -29.67 -17.35 -27.61
C GLU A 13 -29.93 -15.84 -27.47
N ARG A 14 -31.20 -15.44 -27.57
CA ARG A 14 -31.55 -14.03 -27.49
C ARG A 14 -31.32 -13.45 -26.08
N ILE A 15 -31.44 -14.32 -25.07
CA ILE A 15 -31.07 -13.97 -23.70
C ILE A 15 -29.55 -13.74 -23.57
N ARG A 16 -28.78 -14.58 -24.25
CA ARG A 16 -27.33 -14.41 -24.30
C ARG A 16 -26.92 -13.07 -24.95
N ILE A 17 -27.49 -12.76 -26.11
CA ILE A 17 -27.24 -11.53 -26.87
C ILE A 17 -27.59 -10.26 -26.07
N LYS A 18 -28.67 -10.33 -25.26
CA LYS A 18 -29.03 -9.27 -24.33
C LYS A 18 -27.96 -9.03 -23.23
N GLU A 19 -27.43 -10.13 -22.68
CA GLU A 19 -26.32 -10.08 -21.72
C GLU A 19 -25.16 -9.29 -22.31
N GLN A 20 -24.71 -9.71 -23.50
CA GLN A 20 -23.66 -8.98 -24.22
C GLN A 20 -24.03 -7.51 -24.34
N GLY A 21 -25.23 -7.22 -24.84
CA GLY A 21 -25.68 -5.87 -25.08
C GLY A 21 -25.67 -4.96 -23.87
N ILE A 22 -26.21 -5.46 -22.76
CA ILE A 22 -26.20 -4.71 -21.51
C ILE A 22 -24.79 -4.30 -21.11
N LEU A 23 -23.85 -5.26 -21.17
CA LEU A 23 -22.48 -4.99 -20.79
C LEU A 23 -21.82 -4.05 -21.78
N GLN A 24 -22.05 -4.26 -23.08
CA GLN A 24 -21.46 -3.37 -24.09
C GLN A 24 -21.87 -1.89 -23.86
N GLN A 25 -23.18 -1.67 -23.68
CA GLN A 25 -23.74 -0.35 -23.47
C GLN A 25 -23.27 0.27 -22.17
N GLY A 26 -23.18 -0.54 -21.11
CA GLY A 26 -22.72 -0.07 -19.83
C GLY A 26 -21.28 0.38 -19.91
N GLU A 27 -20.50 -0.41 -20.65
CA GLU A 27 -19.09 -0.14 -20.88
C GLU A 27 -18.96 1.15 -21.66
N LEU A 28 -19.87 1.38 -22.61
CA LEU A 28 -19.85 2.60 -23.41
C LEU A 28 -20.16 3.83 -22.56
N TYR A 29 -21.16 3.72 -21.68
CA TYR A 29 -21.48 4.81 -20.76
C TYR A 29 -20.27 5.12 -19.88
N LYS A 30 -19.58 4.08 -19.43
CA LYS A 30 -18.38 4.23 -18.63
C LYS A 30 -17.27 5.03 -19.36
N GLN A 31 -16.91 4.60 -20.57
CA GLN A 31 -15.90 5.29 -21.39
C GLN A 31 -16.26 6.73 -21.76
N GLU A 32 -17.54 7.01 -21.99
CA GLU A 32 -17.99 8.36 -22.35
C GLU A 32 -18.28 9.25 -21.12
N GLY A 33 -18.10 8.67 -19.94
CA GLY A 33 -18.34 9.38 -18.68
C GLY A 33 -19.78 9.73 -18.37
N LYS A 34 -20.74 8.92 -18.81
CA LYS A 34 -22.16 9.16 -18.53
C LYS A 34 -22.69 8.39 -17.32
N ALA A 35 -22.36 8.86 -16.12
CA ALA A 35 -22.73 8.20 -14.86
C ALA A 35 -24.24 7.93 -14.66
N LYS A 36 -25.09 8.93 -14.91
CA LYS A 36 -26.53 8.85 -14.68
C LYS A 36 -27.21 7.83 -15.59
N GLU A 37 -26.76 7.81 -16.84
CA GLU A 37 -27.20 6.85 -17.83
C GLU A 37 -26.88 5.43 -17.35
N LEU A 38 -25.68 5.23 -16.81
CA LEU A 38 -25.28 3.94 -16.27
C LEU A 38 -26.06 3.57 -15.01
N ALA A 39 -26.31 4.52 -14.12
CA ALA A 39 -27.19 4.30 -12.97
C ALA A 39 -28.58 3.85 -13.40
N ASP A 40 -29.10 4.46 -14.47
CA ASP A 40 -30.43 4.13 -14.96
C ASP A 40 -30.45 2.73 -15.57
N LEU A 41 -29.42 2.42 -16.34
CA LEU A 41 -29.24 1.09 -16.92
C LEU A 41 -29.21 0.00 -15.84
N ILE A 42 -28.56 0.31 -14.71
CA ILE A 42 -28.57 -0.61 -13.59
C ILE A 42 -30.02 -0.86 -13.09
N LYS A 43 -30.81 0.20 -12.96
CA LYS A 43 -32.21 0.05 -12.53
C LYS A 43 -33.04 -0.69 -13.58
N VAL A 44 -32.91 -0.27 -14.84
CA VAL A 44 -33.77 -0.77 -15.93
C VAL A 44 -33.61 -2.27 -16.24
N THR A 45 -32.41 -2.80 -16.02
CA THR A 45 -32.11 -4.19 -16.32
C THR A 45 -32.62 -5.15 -15.25
N ARG A 46 -33.10 -4.62 -14.13
CA ARG A 46 -33.51 -5.45 -12.99
C ARG A 46 -34.55 -6.55 -13.28
N PRO A 47 -35.67 -6.21 -13.95
CA PRO A 47 -36.58 -7.34 -14.25
C PRO A 47 -35.98 -8.43 -15.16
N PHE A 48 -35.18 -8.03 -16.15
CA PHE A 48 -34.52 -9.00 -17.04
C PHE A 48 -33.68 -10.00 -16.24
N LEU A 49 -33.04 -9.53 -15.18
CA LEU A 49 -32.16 -10.37 -14.38
C LEU A 49 -32.84 -11.64 -13.83
N SER A 50 -34.17 -11.65 -13.80
CA SER A 50 -34.90 -12.76 -13.18
C SER A 50 -35.19 -13.89 -14.16
N SER A 51 -34.94 -13.63 -15.45
CA SER A 51 -34.99 -14.65 -16.48
C SER A 51 -33.62 -15.32 -16.71
N ILE A 52 -32.66 -15.02 -15.84
CA ILE A 52 -31.39 -15.78 -15.81
C ILE A 52 -31.02 -16.24 -14.39
N SER A 53 -30.13 -17.23 -14.32
CA SER A 53 -29.78 -17.84 -13.06
C SER A 53 -29.26 -16.79 -12.07
N LYS A 54 -29.39 -17.09 -10.78
CA LYS A 54 -28.94 -16.16 -9.74
C LYS A 54 -27.46 -15.80 -9.96
N ALA A 55 -26.71 -16.76 -10.52
CA ALA A 55 -25.25 -16.60 -10.67
C ALA A 55 -24.88 -15.72 -11.86
N LYS A 56 -25.57 -15.92 -12.99
CA LYS A 56 -25.43 -15.08 -14.18
C LYS A 56 -25.80 -13.62 -13.86
N ALA A 57 -26.88 -13.47 -13.10
CA ALA A 57 -27.38 -12.18 -12.67
C ALA A 57 -26.37 -11.47 -11.78
N ALA A 58 -25.79 -12.22 -10.84
CA ALA A 58 -24.78 -11.67 -9.92
C ALA A 58 -23.54 -11.21 -10.67
N LYS A 59 -23.04 -12.01 -11.61
CA LYS A 59 -21.96 -11.56 -12.50
C LYS A 59 -22.35 -10.26 -13.14
N LEU A 60 -23.54 -10.24 -13.74
CA LEU A 60 -23.97 -9.08 -14.48
C LEU A 60 -24.02 -7.84 -13.59
N VAL A 61 -24.74 -7.89 -12.48
CA VAL A 61 -24.82 -6.75 -11.56
C VAL A 61 -23.43 -6.31 -11.04
N ARG A 62 -22.59 -7.27 -10.64
CA ARG A 62 -21.24 -6.96 -10.12
C ARG A 62 -20.39 -6.23 -11.16
N SER A 63 -20.51 -6.69 -12.40
CA SER A 63 -19.77 -6.12 -13.50
C SER A 63 -20.19 -4.65 -13.78
N LEU A 64 -21.50 -4.37 -13.75
CA LEU A 64 -21.99 -3.00 -13.96
C LEU A 64 -21.62 -2.05 -12.83
N VAL A 65 -21.74 -2.52 -11.59
CA VAL A 65 -21.40 -1.72 -10.43
C VAL A 65 -19.90 -1.37 -10.45
N ASP A 66 -19.06 -2.32 -10.81
CA ASP A 66 -17.64 -2.07 -10.99
C ASP A 66 -17.38 -1.02 -12.04
N MET A 67 -18.10 -1.12 -13.15
CA MET A 67 -18.02 -0.08 -14.18
C MET A 67 -18.36 1.26 -13.56
N PHE A 68 -19.44 1.31 -12.77
CA PHE A 68 -19.89 2.57 -12.18
C PHE A 68 -18.84 3.15 -11.23
N LEU A 69 -18.14 2.28 -10.53
CA LEU A 69 -17.20 2.74 -9.52
C LEU A 69 -15.82 3.11 -10.08
N ASP A 70 -15.61 2.98 -11.38
CA ASP A 70 -14.40 3.46 -12.04
C ASP A 70 -14.69 4.67 -12.93
N MET A 71 -15.52 5.59 -12.43
CA MET A 71 -16.00 6.70 -13.25
C MET A 71 -15.75 8.06 -12.62
N ASP A 72 -15.22 8.08 -11.39
CA ASP A 72 -15.05 9.35 -10.66
C ASP A 72 -16.41 10.07 -10.54
N ALA A 73 -17.45 9.32 -10.23
CA ALA A 73 -18.80 9.88 -10.16
C ALA A 73 -19.03 10.74 -8.91
N GLY A 74 -18.14 10.61 -7.94
CA GLY A 74 -18.32 11.30 -6.68
C GLY A 74 -18.67 10.27 -5.62
N THR A 75 -17.75 10.11 -4.67
CA THR A 75 -17.91 9.20 -3.56
C THR A 75 -19.36 9.08 -3.13
N GLY A 76 -20.01 10.21 -2.89
CA GLY A 76 -21.42 10.26 -2.52
C GLY A 76 -22.34 9.45 -3.41
N ILE A 77 -22.24 9.66 -4.72
CA ILE A 77 -23.10 8.97 -5.66
C ILE A 77 -22.70 7.49 -5.80
N GLU A 78 -21.41 7.21 -5.63
CA GLU A 78 -20.89 5.85 -5.68
C GLU A 78 -21.39 5.01 -4.51
N VAL A 79 -21.34 5.59 -3.31
CA VAL A 79 -21.72 4.85 -2.10
C VAL A 79 -23.22 4.65 -2.05
N GLN A 80 -23.95 5.62 -2.59
CA GLN A 80 -25.41 5.54 -2.65
C GLN A 80 -25.87 4.48 -3.64
N LEU A 81 -25.20 4.41 -4.78
CA LEU A 81 -25.50 3.39 -5.77
C LEU A 81 -25.29 1.97 -5.24
N CYS A 82 -24.22 1.80 -4.48
CA CYS A 82 -23.89 0.54 -3.81
C CYS A 82 -24.95 0.13 -2.82
N LYS A 83 -25.39 1.08 -1.98
CA LYS A 83 -26.39 0.80 -0.95
C LYS A 83 -27.72 0.41 -1.60
N ASP A 84 -28.05 1.05 -2.73
CA ASP A 84 -29.29 0.79 -3.46
C ASP A 84 -29.33 -0.63 -4.03
N CYS A 85 -28.22 -1.05 -4.64
CA CYS A 85 -28.11 -2.40 -5.17
C CYS A 85 -28.14 -3.44 -4.05
N ILE A 86 -27.52 -3.10 -2.92
CA ILE A 86 -27.56 -3.95 -1.74
C ILE A 86 -29.01 -4.09 -1.27
N GLU A 87 -29.66 -2.96 -0.96
CA GLU A 87 -31.06 -2.93 -0.53
C GLU A 87 -32.01 -3.65 -1.52
N TRP A 88 -31.74 -3.51 -2.81
CA TRP A 88 -32.43 -4.27 -3.84
C TRP A 88 -32.18 -5.77 -3.66
N ALA A 89 -30.92 -6.15 -3.48
CA ALA A 89 -30.56 -7.56 -3.32
C ALA A 89 -31.22 -8.24 -2.10
N LYS A 90 -31.32 -7.51 -0.99
CA LYS A 90 -32.10 -7.97 0.17
C LYS A 90 -33.58 -8.12 -0.22
N GLN A 91 -34.15 -7.10 -0.88
CA GLN A 91 -35.57 -7.11 -1.31
C GLN A 91 -35.88 -8.19 -2.34
N GLU A 92 -34.83 -8.84 -2.86
CA GLU A 92 -34.97 -9.93 -3.83
C GLU A 92 -34.44 -11.26 -3.28
N LYS A 93 -33.94 -11.26 -2.04
CA LYS A 93 -33.34 -12.45 -1.40
C LYS A 93 -32.16 -13.10 -2.18
N ARG A 94 -31.43 -12.30 -2.95
CA ARG A 94 -30.27 -12.76 -3.71
C ARG A 94 -29.01 -12.60 -2.82
N THR A 95 -28.77 -13.62 -2.00
CA THR A 95 -27.86 -13.56 -0.86
C THR A 95 -26.38 -13.38 -1.24
N PHE A 96 -25.87 -14.28 -2.08
CA PHE A 96 -24.47 -14.26 -2.49
C PHE A 96 -24.15 -12.92 -3.13
N LEU A 97 -25.09 -12.43 -3.95
CA LEU A 97 -24.95 -11.14 -4.61
C LEU A 97 -24.89 -9.98 -3.62
N ARG A 98 -25.82 -9.94 -2.66
CA ARG A 98 -25.81 -8.94 -1.60
C ARG A 98 -24.48 -8.94 -0.84
N GLN A 99 -24.06 -10.12 -0.40
CA GLN A 99 -22.83 -10.24 0.38
C GLN A 99 -21.64 -9.69 -0.39
N SER A 100 -21.56 -9.99 -1.69
CA SER A 100 -20.41 -9.55 -2.48
C SER A 100 -20.53 -8.09 -2.89
N LEU A 101 -21.74 -7.55 -2.91
CA LEU A 101 -21.92 -6.12 -3.12
C LEU A 101 -21.51 -5.36 -1.87
N GLU A 102 -21.81 -5.95 -0.71
CA GLU A 102 -21.31 -5.43 0.57
C GLU A 102 -19.78 -5.46 0.61
N ALA A 103 -19.18 -6.56 0.16
CA ALA A 103 -17.71 -6.64 0.08
C ALA A 103 -17.12 -5.56 -0.83
N ARG A 104 -17.74 -5.32 -1.99
CA ARG A 104 -17.33 -4.21 -2.86
C ARG A 104 -17.44 -2.83 -2.19
N LEU A 105 -18.54 -2.63 -1.45
CA LEU A 105 -18.77 -1.36 -0.76
C LEU A 105 -17.75 -1.11 0.34
N ILE A 106 -17.32 -2.17 1.04
CA ILE A 106 -16.27 -2.07 2.03
C ILE A 106 -14.99 -1.60 1.34
N ALA A 107 -14.71 -2.19 0.17
CA ALA A 107 -13.51 -1.80 -0.60
C ALA A 107 -13.59 -0.32 -1.00
N LEU A 108 -14.77 0.11 -1.44
CA LEU A 108 -15.05 1.52 -1.72
C LEU A 108 -14.81 2.45 -0.52
N TYR A 109 -15.38 2.10 0.64
CA TYR A 109 -15.14 2.87 1.86
C TYR A 109 -13.65 3.01 2.15
N PHE A 110 -12.91 1.90 2.09
CA PHE A 110 -11.46 1.95 2.28
C PHE A 110 -10.83 2.95 1.30
N ASP A 111 -10.95 2.65 0.01
CA ASP A 111 -10.41 3.52 -1.05
C ASP A 111 -10.73 5.01 -0.85
N THR A 112 -11.87 5.29 -0.23
CA THR A 112 -12.41 6.62 -0.08
C THR A 112 -12.06 7.26 1.26
N ALA A 113 -11.23 6.57 2.05
CA ALA A 113 -10.86 7.04 3.39
C ALA A 113 -12.05 7.10 4.36
N LEU A 114 -13.16 6.45 3.99
CA LEU A 114 -14.34 6.32 4.85
C LEU A 114 -14.18 5.11 5.79
N TYR A 115 -13.25 5.21 6.73
CA TYR A 115 -12.74 4.08 7.51
C TYR A 115 -13.69 3.48 8.56
N THR A 116 -14.34 4.32 9.35
CA THR A 116 -15.21 3.77 10.40
C THR A 116 -16.45 3.08 9.83
N GLU A 117 -16.92 3.51 8.67
CA GLU A 117 -18.04 2.82 8.01
C GLU A 117 -17.58 1.51 7.33
N ALA A 118 -16.36 1.50 6.83
CA ALA A 118 -15.71 0.27 6.36
C ALA A 118 -15.60 -0.79 7.46
N LEU A 119 -15.33 -0.37 8.69
CA LEU A 119 -15.31 -1.28 9.84
C LEU A 119 -16.70 -1.74 10.24
N ALA A 120 -17.62 -0.77 10.31
CA ALA A 120 -19.00 -1.05 10.67
C ALA A 120 -19.61 -2.08 9.74
N LEU A 121 -19.45 -1.87 8.43
CA LEU A 121 -19.95 -2.81 7.44
C LEU A 121 -19.17 -4.11 7.49
N GLY A 122 -17.85 -4.00 7.64
CA GLY A 122 -16.98 -5.16 7.80
C GLY A 122 -17.42 -6.11 8.92
N ALA A 123 -17.82 -5.54 10.05
CA ALA A 123 -18.21 -6.31 11.23
C ALA A 123 -19.49 -7.11 10.99
N GLN A 124 -20.45 -6.50 10.32
CA GLN A 124 -21.72 -7.14 9.92
C GLN A 124 -21.47 -8.35 9.05
N LEU A 125 -20.79 -8.11 7.93
CA LEU A 125 -20.53 -9.10 6.88
C LEU A 125 -19.74 -10.29 7.40
N LEU A 126 -18.78 -10.02 8.29
CA LEU A 126 -17.94 -11.07 8.86
C LEU A 126 -18.73 -12.06 9.70
N ARG A 127 -19.73 -11.58 10.44
CA ARG A 127 -20.60 -12.46 11.22
C ARG A 127 -21.28 -13.50 10.30
N GLU A 128 -21.79 -13.04 9.15
CA GLU A 128 -22.39 -13.93 8.14
C GLU A 128 -21.36 -14.86 7.55
N LEU A 129 -20.33 -14.28 6.95
CA LEU A 129 -19.33 -15.02 6.17
C LEU A 129 -18.61 -16.14 6.94
N LYS A 130 -18.44 -15.96 8.24
CA LYS A 130 -17.81 -16.96 9.11
C LYS A 130 -18.72 -18.17 9.35
N LYS A 131 -20.02 -17.99 9.15
CA LYS A 131 -20.99 -19.07 9.36
C LYS A 131 -21.32 -19.81 8.07
N LEU A 132 -20.41 -19.75 7.09
CA LEU A 132 -20.62 -20.31 5.74
C LEU A 132 -19.41 -21.03 5.13
N ASP A 133 -19.69 -21.85 4.11
CA ASP A 133 -18.68 -22.53 3.29
C ASP A 133 -17.92 -21.56 2.39
N ASP A 134 -17.08 -22.12 1.49
CA ASP A 134 -16.34 -21.35 0.48
C ASP A 134 -15.84 -20.03 1.09
N LYS A 135 -14.65 -20.10 1.68
CA LYS A 135 -14.11 -18.99 2.47
C LYS A 135 -13.41 -17.90 1.65
N ASN A 136 -13.46 -17.96 0.32
CA ASN A 136 -12.70 -17.02 -0.52
C ASN A 136 -13.06 -15.57 -0.26
N LEU A 137 -14.34 -15.31 -0.09
CA LEU A 137 -14.81 -13.98 0.21
C LEU A 137 -14.35 -13.54 1.60
N LEU A 138 -14.33 -14.47 2.54
CA LEU A 138 -13.90 -14.17 3.91
C LEU A 138 -12.48 -13.61 3.95
N VAL A 139 -11.58 -14.23 3.19
CA VAL A 139 -10.21 -13.76 3.06
C VAL A 139 -10.22 -12.29 2.66
N GLU A 140 -10.93 -11.98 1.56
CA GLU A 140 -11.04 -10.62 1.04
C GLU A 140 -11.43 -9.60 2.10
N VAL A 141 -12.39 -9.97 2.94
CA VAL A 141 -12.94 -9.04 3.92
C VAL A 141 -12.02 -8.89 5.15
N GLN A 142 -11.41 -10.00 5.58
CA GLN A 142 -10.41 -9.91 6.64
C GLN A 142 -9.19 -9.08 6.21
N LEU A 143 -8.75 -9.24 4.97
CA LEU A 143 -7.69 -8.39 4.42
C LEU A 143 -8.10 -6.91 4.37
N LEU A 144 -9.33 -6.62 3.97
CA LEU A 144 -9.78 -5.24 3.99
C LEU A 144 -9.83 -4.68 5.40
N GLU A 145 -10.30 -5.49 6.35
CA GLU A 145 -10.30 -5.13 7.76
C GLU A 145 -8.87 -4.79 8.24
N SER A 146 -7.90 -5.59 7.85
CA SER A 146 -6.52 -5.33 8.21
C SER A 146 -6.06 -4.00 7.60
N LYS A 147 -6.27 -3.84 6.30
CA LYS A 147 -5.88 -2.62 5.61
C LYS A 147 -6.47 -1.40 6.30
N THR A 148 -7.72 -1.51 6.77
CA THR A 148 -8.40 -0.34 7.37
C THR A 148 -8.04 -0.06 8.81
N TYR A 149 -7.75 -1.10 9.59
CA TYR A 149 -7.16 -0.89 10.91
C TYR A 149 -5.78 -0.23 10.83
N HIS A 150 -4.98 -0.64 9.84
CA HIS A 150 -3.64 -0.06 9.62
C HIS A 150 -3.74 1.42 9.30
N ALA A 151 -4.69 1.78 8.43
CA ALA A 151 -4.93 3.18 8.08
C ALA A 151 -5.43 3.98 9.29
N LEU A 152 -6.10 3.28 10.22
CA LEU A 152 -6.53 3.92 11.48
C LEU A 152 -5.45 3.88 12.57
N SER A 153 -4.24 3.44 12.21
CA SER A 153 -3.10 3.38 13.13
C SER A 153 -3.31 2.42 14.31
N ASN A 154 -3.96 1.29 14.04
CA ASN A 154 -4.17 0.27 15.04
C ASN A 154 -3.47 -1.01 14.60
N LEU A 155 -2.19 -1.10 14.90
CA LEU A 155 -1.38 -2.25 14.53
C LEU A 155 -1.81 -3.57 15.19
N PRO A 156 -2.04 -3.59 16.52
CA PRO A 156 -2.59 -4.83 17.10
C PRO A 156 -3.74 -5.41 16.27
N LYS A 157 -4.75 -4.60 16.00
CA LYS A 157 -5.96 -5.09 15.33
C LYS A 157 -5.77 -5.31 13.83
N ALA A 158 -4.80 -4.62 13.23
CA ALA A 158 -4.43 -4.87 11.83
C ALA A 158 -3.70 -6.21 11.68
N ARG A 159 -2.83 -6.51 12.65
CA ARG A 159 -2.07 -7.74 12.66
C ARG A 159 -2.98 -8.91 12.90
N ALA A 160 -3.91 -8.74 13.85
CA ALA A 160 -4.86 -9.78 14.21
C ALA A 160 -5.83 -10.10 13.06
N ALA A 161 -6.26 -9.07 12.32
CA ALA A 161 -7.13 -9.29 11.16
C ALA A 161 -6.40 -10.02 10.03
N LEU A 162 -5.14 -9.64 9.77
CA LEU A 162 -4.32 -10.31 8.77
C LEU A 162 -4.05 -11.76 9.16
N THR A 163 -3.78 -12.01 10.44
CA THR A 163 -3.56 -13.37 10.93
C THR A 163 -4.76 -14.27 10.59
N SER A 164 -5.98 -13.78 10.86
CA SER A 164 -7.21 -14.49 10.48
C SER A 164 -7.26 -14.76 8.99
N ALA A 165 -6.95 -13.74 8.18
CA ALA A 165 -6.95 -13.86 6.73
C ALA A 165 -6.02 -14.99 6.27
N ARG A 166 -4.79 -14.96 6.75
CA ARG A 166 -3.78 -15.96 6.41
C ARG A 166 -4.20 -17.37 6.80
N THR A 167 -4.81 -17.49 7.98
CA THR A 167 -5.23 -18.78 8.51
C THR A 167 -6.39 -19.34 7.68
N THR A 168 -7.29 -18.46 7.28
CA THR A 168 -8.39 -18.84 6.41
C THR A 168 -7.83 -19.25 5.04
N ALA A 169 -6.87 -18.49 4.53
CA ALA A 169 -6.24 -18.77 3.23
C ALA A 169 -5.36 -20.03 3.25
N ASN A 170 -4.86 -20.38 4.43
CA ASN A 170 -4.12 -21.64 4.59
C ASN A 170 -4.95 -22.86 4.24
N ALA A 171 -6.26 -22.77 4.44
CA ALA A 171 -7.19 -23.85 4.10
C ALA A 171 -7.42 -23.96 2.59
N ILE A 172 -7.93 -22.88 1.99
CA ILE A 172 -8.15 -22.75 0.54
C ILE A 172 -6.84 -22.79 -0.24
N TYR A 173 -6.94 -22.92 -1.56
CA TYR A 173 -5.82 -22.69 -2.47
C TYR A 173 -6.05 -21.41 -3.23
N CYS A 174 -5.57 -20.31 -2.67
CA CYS A 174 -5.85 -18.98 -3.17
C CYS A 174 -5.20 -18.66 -4.52
N PRO A 175 -5.87 -17.84 -5.36
CA PRO A 175 -5.25 -17.37 -6.59
C PRO A 175 -4.11 -16.38 -6.28
N PRO A 176 -3.12 -16.28 -7.17
CA PRO A 176 -1.90 -15.47 -6.97
C PRO A 176 -2.13 -14.01 -6.55
N LYS A 177 -3.19 -13.36 -7.02
CA LYS A 177 -3.46 -11.97 -6.66
C LYS A 177 -3.93 -11.85 -5.20
N VAL A 178 -4.56 -12.90 -4.69
CA VAL A 178 -4.96 -12.92 -3.29
C VAL A 178 -3.72 -13.21 -2.43
N GLN A 179 -2.93 -14.20 -2.84
CA GLN A 179 -1.68 -14.51 -2.16
C GLN A 179 -0.72 -13.32 -2.15
N GLY A 180 -0.51 -12.72 -3.31
CA GLY A 180 0.28 -11.53 -3.43
C GLY A 180 -0.17 -10.45 -2.47
N ALA A 181 -1.48 -10.19 -2.43
CA ALA A 181 -2.00 -9.11 -1.60
C ALA A 181 -1.79 -9.45 -0.13
N LEU A 182 -1.88 -10.73 0.22
CA LEU A 182 -1.64 -11.18 1.57
C LEU A 182 -0.16 -11.00 1.94
N ASP A 183 0.73 -11.33 1.00
CA ASP A 183 2.16 -11.15 1.24
C ASP A 183 2.56 -9.66 1.28
N LEU A 184 1.79 -8.82 0.60
CA LEU A 184 2.02 -7.40 0.60
C LEU A 184 1.61 -6.75 1.93
N GLN A 185 0.47 -7.17 2.51
CA GLN A 185 0.10 -6.65 3.85
C GLN A 185 1.09 -7.10 4.92
N SER A 186 1.45 -8.38 4.92
CA SER A 186 2.42 -8.88 5.88
C SER A 186 3.68 -8.04 5.86
N GLY A 187 4.21 -7.79 4.67
CA GLY A 187 5.33 -6.88 4.47
C GLY A 187 5.07 -5.51 5.06
N ILE A 188 3.93 -4.92 4.72
CA ILE A 188 3.59 -3.58 5.22
C ILE A 188 3.56 -3.57 6.76
N LEU A 189 3.04 -4.66 7.35
CA LEU A 189 2.86 -4.67 8.80
C LEU A 189 4.11 -5.02 9.64
N HIS A 190 4.99 -5.87 9.12
CA HIS A 190 6.28 -6.10 9.77
C HIS A 190 7.18 -4.83 9.72
N ALA A 191 7.01 -4.03 8.67
CA ALA A 191 7.75 -2.77 8.48
C ALA A 191 7.16 -1.58 9.21
N ALA A 192 5.87 -1.61 9.48
CA ALA A 192 5.14 -0.44 9.97
C ALA A 192 5.71 0.19 11.24
N ASP A 193 6.10 -0.65 12.21
CA ASP A 193 6.69 -0.18 13.46
C ASP A 193 8.23 -0.16 13.41
N GLU A 194 8.77 -0.45 12.23
CA GLU A 194 10.21 -0.33 11.94
C GLU A 194 11.04 -1.28 12.79
N ARG A 195 10.44 -2.40 13.17
CA ARG A 195 11.12 -3.38 14.03
C ARG A 195 11.62 -4.64 13.32
N ASP A 196 11.07 -4.94 12.15
CA ASP A 196 11.47 -6.16 11.46
C ASP A 196 11.48 -5.98 9.96
N PHE A 197 12.39 -5.14 9.48
CA PHE A 197 12.56 -4.95 8.05
C PHE A 197 13.08 -6.20 7.35
N LYS A 198 13.72 -7.12 8.08
CA LYS A 198 14.31 -8.31 7.48
C LYS A 198 13.25 -9.30 7.04
N THR A 199 12.26 -9.53 7.88
CA THR A 199 11.20 -10.42 7.50
C THR A 199 10.20 -9.69 6.58
N ALA A 200 9.98 -8.39 6.82
CA ALA A 200 9.22 -7.59 5.85
C ALA A 200 9.78 -7.76 4.43
N PHE A 201 11.11 -7.71 4.30
CA PHE A 201 11.77 -7.86 3.00
C PHE A 201 11.32 -9.16 2.38
N SER A 202 11.36 -10.23 3.16
CA SER A 202 10.96 -11.57 2.70
C SER A 202 9.55 -11.67 2.17
N TYR A 203 8.61 -11.03 2.86
CA TYR A 203 7.23 -11.02 2.42
C TYR A 203 7.09 -10.22 1.13
N PHE A 204 7.79 -9.10 1.05
CA PHE A 204 7.76 -8.33 -0.18
C PHE A 204 8.31 -9.13 -1.35
N TYR A 205 9.38 -9.89 -1.10
CA TYR A 205 9.93 -10.78 -2.12
C TYR A 205 8.92 -11.85 -2.55
N GLU A 206 8.21 -12.44 -1.61
CA GLU A 206 7.19 -13.41 -1.98
C GLU A 206 6.10 -12.72 -2.83
N ALA A 207 5.56 -11.61 -2.32
CA ALA A 207 4.63 -10.77 -3.06
C ALA A 207 5.10 -10.49 -4.50
N PHE A 208 6.36 -10.07 -4.65
CA PHE A 208 6.92 -9.79 -5.97
C PHE A 208 6.87 -11.00 -6.88
N GLU A 209 7.28 -12.15 -6.36
CA GLU A 209 7.32 -13.36 -7.13
C GLU A 209 5.93 -13.77 -7.58
N GLY A 210 4.95 -13.63 -6.70
CA GLY A 210 3.58 -14.08 -6.97
C GLY A 210 2.85 -13.14 -7.92
N PHE A 211 3.20 -11.84 -7.87
CA PHE A 211 2.53 -10.82 -8.66
C PHE A 211 3.11 -10.72 -10.07
N ASP A 212 4.33 -11.19 -10.23
CA ASP A 212 5.05 -10.98 -11.47
C ASP A 212 4.46 -11.81 -12.61
N SER A 213 4.17 -11.14 -13.72
CA SER A 213 3.55 -11.76 -14.90
C SER A 213 2.07 -12.01 -14.71
N VAL A 214 1.50 -11.51 -13.61
CA VAL A 214 0.06 -11.59 -13.35
C VAL A 214 -0.52 -10.18 -13.16
N ASP A 215 0.00 -9.47 -12.17
CA ASP A 215 -0.34 -8.06 -11.95
C ASP A 215 0.95 -7.26 -11.84
N SER A 216 1.29 -6.56 -12.92
CA SER A 216 2.60 -5.92 -12.99
C SER A 216 2.68 -4.57 -12.23
N VAL A 217 1.53 -4.05 -11.81
CA VAL A 217 1.52 -2.83 -11.03
C VAL A 217 1.79 -3.21 -9.57
N LYS A 218 1.20 -4.30 -9.09
CA LYS A 218 1.51 -4.78 -7.74
C LYS A 218 2.91 -5.45 -7.69
N ALA A 219 3.34 -6.03 -8.80
CA ALA A 219 4.69 -6.57 -8.88
C ALA A 219 5.71 -5.43 -8.70
N LEU A 220 5.44 -4.29 -9.34
CA LEU A 220 6.34 -3.14 -9.25
C LEU A 220 6.35 -2.56 -7.84
N THR A 221 5.18 -2.50 -7.21
CA THR A 221 5.02 -2.06 -5.84
C THR A 221 5.85 -2.91 -4.84
N SER A 222 5.81 -4.22 -5.03
CA SER A 222 6.47 -5.16 -4.17
C SER A 222 7.99 -5.03 -4.29
N LEU A 223 8.49 -4.98 -5.53
CA LEU A 223 9.90 -4.76 -5.77
C LEU A 223 10.38 -3.47 -5.08
N LYS A 224 9.61 -2.40 -5.28
CA LYS A 224 9.87 -1.08 -4.68
C LYS A 224 10.09 -1.21 -3.18
N TYR A 225 9.21 -1.98 -2.53
CA TYR A 225 9.26 -2.14 -1.09
C TYR A 225 10.38 -3.09 -0.63
N MET A 226 10.76 -4.04 -1.49
CA MET A 226 11.99 -4.79 -1.29
C MET A 226 13.16 -3.82 -1.13
N LEU A 227 13.26 -2.86 -2.04
CA LEU A 227 14.34 -1.91 -2.06
C LEU A 227 14.31 -1.00 -0.83
N LEU A 228 13.12 -0.54 -0.47
CA LEU A 228 12.93 0.28 0.71
C LEU A 228 13.49 -0.39 1.95
N CYS A 229 13.14 -1.65 2.12
CA CYS A 229 13.56 -2.47 3.27
C CYS A 229 15.07 -2.58 3.35
N LYS A 230 15.67 -2.88 2.20
CA LYS A 230 17.09 -3.01 2.09
C LYS A 230 17.76 -1.70 2.54
N ILE A 231 17.17 -0.56 2.13
CA ILE A 231 17.70 0.74 2.51
C ILE A 231 17.61 0.96 4.04
N MET A 232 16.43 0.71 4.59
CA MET A 232 16.14 0.85 6.00
C MET A 232 17.05 -0.03 6.87
N LEU A 233 17.46 -1.17 6.33
CA LEU A 233 18.37 -2.07 6.99
C LEU A 233 19.85 -1.63 6.97
N GLY A 234 20.15 -0.51 6.30
CA GLY A 234 21.53 -0.11 6.07
C GLY A 234 22.22 -0.99 5.04
N GLN A 235 21.45 -1.81 4.33
CA GLN A 235 22.00 -2.74 3.32
C GLN A 235 21.82 -2.22 1.88
N SER A 236 21.91 -0.90 1.70
CA SER A 236 21.57 -0.26 0.43
C SER A 236 22.45 -0.63 -0.78
N ASP A 237 23.61 -1.23 -0.52
CA ASP A 237 24.48 -1.73 -1.60
C ASP A 237 23.94 -3.01 -2.25
N ASP A 238 22.97 -3.66 -1.60
CA ASP A 238 22.30 -4.82 -2.20
C ASP A 238 21.36 -4.38 -3.31
N VAL A 239 20.96 -3.11 -3.27
CA VAL A 239 19.95 -2.59 -4.17
C VAL A 239 20.33 -2.74 -5.65
N ASN A 240 21.58 -2.45 -6.00
CA ASN A 240 22.07 -2.61 -7.38
C ASN A 240 22.04 -4.05 -7.92
N GLN A 241 22.39 -5.00 -7.07
CA GLN A 241 22.30 -6.42 -7.41
C GLN A 241 20.86 -6.86 -7.67
N LEU A 242 19.93 -6.44 -6.81
CA LEU A 242 18.53 -6.81 -6.93
C LEU A 242 17.86 -6.24 -8.17
N VAL A 243 18.31 -5.04 -8.56
CA VAL A 243 17.81 -4.32 -9.73
C VAL A 243 18.39 -4.93 -10.99
N SER A 244 19.65 -5.31 -10.92
CA SER A 244 20.39 -5.89 -12.03
C SER A 244 19.86 -7.26 -12.46
N GLY A 245 19.22 -7.96 -11.52
CA GLY A 245 18.72 -9.33 -11.73
C GLY A 245 17.83 -9.44 -12.95
N LYS A 246 18.02 -10.52 -13.72
CA LYS A 246 17.33 -10.72 -15.02
C LYS A 246 15.87 -10.28 -14.99
N LEU A 247 15.15 -10.65 -13.94
CA LEU A 247 13.72 -10.32 -13.78
C LEU A 247 13.43 -8.83 -13.42
N ALA A 248 14.14 -8.28 -12.43
CA ALA A 248 13.96 -6.87 -12.07
C ALA A 248 14.19 -5.87 -13.23
N ILE A 249 15.34 -5.96 -13.92
CA ILE A 249 15.62 -5.12 -15.10
C ILE A 249 14.34 -4.60 -15.79
N THR A 250 13.55 -5.56 -16.30
CA THR A 250 12.23 -5.37 -16.91
C THR A 250 11.40 -4.23 -16.33
N TYR A 251 11.51 -4.02 -15.02
CA TYR A 251 10.68 -3.04 -14.29
C TYR A 251 11.23 -1.62 -14.24
N SER A 252 12.17 -1.30 -15.11
CA SER A 252 12.75 0.04 -15.20
C SER A 252 11.70 1.17 -15.23
N GLY A 253 12.02 2.30 -14.60
CA GLY A 253 11.11 3.44 -14.50
C GLY A 253 11.43 4.33 -13.31
N ARG A 254 10.58 5.34 -13.11
CA ARG A 254 10.76 6.38 -12.10
C ARG A 254 10.74 5.80 -10.69
N ASP A 255 9.88 4.81 -10.47
CA ASP A 255 9.81 4.14 -9.19
C ASP A 255 11.16 3.51 -8.81
N ILE A 256 11.71 2.67 -9.67
CA ILE A 256 12.99 2.05 -9.39
C ILE A 256 14.12 3.08 -9.38
N ASP A 257 14.05 4.09 -10.25
CA ASP A 257 15.08 5.13 -10.28
C ASP A 257 15.15 5.91 -8.97
N ALA A 258 13.98 6.13 -8.37
CA ALA A 258 13.85 6.79 -7.08
C ALA A 258 14.54 6.02 -5.97
N MET A 259 14.30 4.71 -5.89
CA MET A 259 14.95 3.89 -4.86
C MET A 259 16.45 3.81 -5.09
N LYS A 260 16.87 3.80 -6.36
CA LYS A 260 18.29 3.69 -6.71
C LYS A 260 18.98 4.96 -6.27
N SER A 261 18.27 6.06 -6.42
CA SER A 261 18.80 7.37 -6.12
C SER A 261 18.91 7.59 -4.60
N VAL A 262 17.92 7.12 -3.86
CA VAL A 262 18.00 7.07 -2.41
C VAL A 262 19.13 6.13 -1.96
N ALA A 263 19.29 4.99 -2.62
CA ALA A 263 20.36 4.07 -2.26
C ALA A 263 21.74 4.72 -2.43
N GLU A 264 21.94 5.44 -3.54
CA GLU A 264 23.16 6.22 -3.78
C GLU A 264 23.42 7.26 -2.70
N ALA A 265 22.37 7.96 -2.27
CA ALA A 265 22.52 8.96 -1.23
C ALA A 265 23.01 8.32 0.06
N SER A 266 22.48 7.13 0.35
CA SER A 266 22.89 6.38 1.51
C SER A 266 24.37 6.02 1.41
N HIS A 267 24.73 5.44 0.27
CA HIS A 267 26.10 5.03 -0.02
C HIS A 267 27.08 6.20 0.14
N LYS A 268 26.73 7.38 -0.36
CA LYS A 268 27.60 8.53 -0.25
C LYS A 268 27.40 9.26 1.07
N ARG A 269 26.48 8.77 1.90
CA ARG A 269 26.21 9.38 3.20
C ARG A 269 26.01 10.86 2.99
N SER A 270 25.02 11.19 2.17
CA SER A 270 24.81 12.55 1.76
C SER A 270 23.36 13.01 1.94
N LEU A 271 23.13 13.83 2.95
CA LEU A 271 21.82 14.44 3.19
C LEU A 271 21.36 15.28 1.99
N ALA A 272 22.24 16.14 1.48
CA ALA A 272 21.92 16.90 0.26
C ALA A 272 21.39 16.02 -0.90
N ASP A 273 22.09 14.92 -1.21
CA ASP A 273 21.60 14.01 -2.29
C ASP A 273 20.28 13.35 -1.92
N PHE A 274 20.11 13.02 -0.64
CA PHE A 274 18.84 12.50 -0.16
C PHE A 274 17.71 13.50 -0.38
N GLN A 275 17.99 14.78 -0.10
CA GLN A 275 17.00 15.84 -0.32
C GLN A 275 16.72 16.04 -1.82
N ALA A 276 17.74 15.90 -2.66
CA ALA A 276 17.55 16.08 -4.09
C ALA A 276 16.72 14.96 -4.69
N ALA A 277 16.84 13.75 -4.12
CA ALA A 277 15.99 12.61 -4.50
C ALA A 277 14.53 12.83 -4.13
N LEU A 278 14.27 13.22 -2.88
CA LEU A 278 12.90 13.34 -2.39
C LEU A 278 12.06 14.28 -3.24
N LYS A 279 12.68 15.38 -3.68
CA LYS A 279 11.97 16.39 -4.45
C LYS A 279 12.01 16.20 -5.99
N GLU A 280 12.95 15.42 -6.49
CA GLU A 280 12.95 15.00 -7.90
C GLU A 280 11.92 13.91 -8.07
N TYR A 281 11.83 13.03 -7.07
CA TYR A 281 10.91 11.90 -7.13
C TYR A 281 9.78 12.01 -6.11
N LYS A 282 9.29 13.23 -5.89
CA LYS A 282 8.11 13.49 -5.03
C LYS A 282 6.98 12.48 -5.23
N LYS A 283 6.56 12.26 -6.47
CA LYS A 283 5.45 11.35 -6.72
C LYS A 283 5.74 9.92 -6.27
N GLU A 284 6.99 9.48 -6.47
CA GLU A 284 7.38 8.09 -6.19
C GLU A 284 7.81 7.86 -4.73
N LEU A 285 8.02 8.93 -3.97
CA LEU A 285 8.54 8.79 -2.59
C LEU A 285 7.56 9.28 -1.52
N ALA A 286 7.50 10.59 -1.28
CA ALA A 286 6.60 11.15 -0.28
C ALA A 286 5.10 10.88 -0.54
N GLU A 287 4.73 10.57 -1.79
CA GLU A 287 3.32 10.34 -2.15
C GLU A 287 2.93 8.86 -2.12
N ASP A 288 3.93 8.03 -1.83
CA ASP A 288 3.74 6.62 -1.59
C ASP A 288 3.50 6.47 -0.09
N VAL A 289 2.26 6.20 0.29
CA VAL A 289 1.81 6.14 1.68
C VAL A 289 2.73 5.32 2.55
N ILE A 290 3.44 4.38 1.94
CA ILE A 290 4.29 3.44 2.68
C ILE A 290 5.74 3.88 2.75
N VAL A 291 6.26 4.39 1.64
CA VAL A 291 7.54 5.04 1.72
C VAL A 291 7.45 6.19 2.73
N GLN A 292 6.43 7.05 2.57
CA GLN A 292 6.21 8.21 3.46
C GLN A 292 6.28 7.85 4.93
N ALA A 293 5.67 6.70 5.28
CA ALA A 293 5.66 6.27 6.67
C ALA A 293 7.08 6.11 7.23
N HIS A 294 8.07 5.99 6.35
CA HIS A 294 9.45 5.71 6.79
C HIS A 294 10.45 6.80 6.49
N LEU A 295 10.05 7.85 5.78
CA LEU A 295 10.98 8.93 5.46
C LEU A 295 11.47 9.73 6.68
N GLY A 296 10.64 9.85 7.70
CA GLY A 296 11.06 10.51 8.94
C GLY A 296 12.32 9.86 9.48
N THR A 297 12.26 8.56 9.75
CA THR A 297 13.43 7.94 10.32
C THR A 297 14.54 7.73 9.28
N LEU A 298 14.19 7.68 8.01
CA LEU A 298 15.24 7.67 6.98
C LEU A 298 16.01 8.98 7.02
N TYR A 299 15.30 10.11 7.17
CA TYR A 299 15.96 11.40 7.31
C TYR A 299 16.97 11.44 8.45
N ASP A 300 16.56 10.99 9.65
CA ASP A 300 17.48 10.95 10.79
C ASP A 300 18.77 10.21 10.44
N THR A 301 18.63 9.00 9.87
CA THR A 301 19.78 8.17 9.52
C THR A 301 20.68 8.89 8.52
N MET A 302 20.10 9.62 7.56
CA MET A 302 20.90 10.31 6.56
C MET A 302 21.63 11.48 7.20
N LEU A 303 20.95 12.15 8.11
CA LEU A 303 21.55 13.24 8.83
C LEU A 303 22.73 12.67 9.59
N GLU A 304 22.52 11.56 10.31
CA GLU A 304 23.57 11.00 11.17
C GLU A 304 24.76 10.52 10.39
N GLN A 305 24.50 9.88 9.27
CA GLN A 305 25.55 9.28 8.47
C GLN A 305 26.42 10.36 7.82
N ASN A 306 25.79 11.41 7.32
CA ASN A 306 26.49 12.57 6.77
C ASN A 306 27.39 13.24 7.82
N LEU A 307 26.87 13.47 9.03
CA LEU A 307 27.69 13.92 10.17
C LEU A 307 28.84 12.96 10.48
N CYS A 308 28.62 11.65 10.45
CA CYS A 308 29.77 10.76 10.68
C CYS A 308 30.83 10.95 9.62
N ARG A 309 30.39 11.10 8.37
CA ARG A 309 31.28 11.26 7.25
C ARG A 309 32.17 12.48 7.45
N ILE A 310 31.56 13.60 7.79
CA ILE A 310 32.29 14.84 8.06
C ILE A 310 33.30 14.72 9.24
N ILE A 311 32.85 14.12 10.34
CA ILE A 311 33.66 13.98 11.56
C ILE A 311 34.80 13.00 11.38
N GLU A 312 34.65 12.04 10.49
CA GLU A 312 35.57 10.90 10.38
C GLU A 312 37.06 11.23 10.39
N PRO A 313 37.49 12.28 9.64
CA PRO A 313 38.94 12.60 9.63
C PRO A 313 39.47 13.29 10.88
N TYR A 314 38.62 13.48 11.90
CA TYR A 314 39.02 14.29 13.07
C TYR A 314 38.97 13.59 14.43
N SER A 315 39.97 13.88 15.25
CA SER A 315 39.91 13.52 16.68
C SER A 315 39.31 14.66 17.46
N ARG A 316 39.33 15.83 16.86
CA ARG A 316 38.70 16.98 17.46
C ARG A 316 38.28 17.97 16.38
N VAL A 317 37.04 18.44 16.43
CA VAL A 317 36.55 19.25 15.32
C VAL A 317 35.60 20.33 15.81
N GLN A 318 35.68 21.51 15.23
CA GLN A 318 34.73 22.56 15.59
C GLN A 318 33.37 22.19 15.09
N VAL A 319 32.38 22.36 15.95
CA VAL A 319 30.97 22.21 15.58
C VAL A 319 30.60 23.16 14.45
N ALA A 320 31.10 24.39 14.52
CA ALA A 320 30.92 25.35 13.41
C ALA A 320 31.39 24.78 12.06
N HIS A 321 32.45 23.98 12.07
CA HIS A 321 33.00 23.40 10.86
C HIS A 321 32.06 22.32 10.38
N VAL A 322 31.59 21.50 11.32
CA VAL A 322 30.68 20.42 10.98
C VAL A 322 29.40 21.02 10.38
N ALA A 323 28.85 22.04 11.02
CA ALA A 323 27.64 22.71 10.55
C ALA A 323 27.79 23.36 9.18
N GLU A 324 28.91 24.04 8.94
CA GLU A 324 29.14 24.60 7.60
C GLU A 324 29.21 23.49 6.54
N SER A 325 29.81 22.35 6.86
CA SER A 325 29.98 21.25 5.89
C SER A 325 28.66 20.61 5.49
N ILE A 326 27.71 20.52 6.42
CA ILE A 326 26.43 19.90 6.13
C ILE A 326 25.42 20.99 5.78
N GLN A 327 25.87 22.23 5.84
CA GLN A 327 25.02 23.39 5.51
C GLN A 327 23.72 23.39 6.31
N LEU A 328 23.87 23.32 7.64
CA LEU A 328 22.75 23.42 8.59
C LEU A 328 23.09 24.40 9.72
N PRO A 329 22.07 25.03 10.33
CA PRO A 329 22.40 25.92 11.42
C PRO A 329 23.01 25.16 12.59
N MET A 330 23.96 25.83 13.23
CA MET A 330 24.76 25.26 14.30
C MET A 330 24.00 24.72 15.53
N PRO A 331 22.98 25.44 16.03
CA PRO A 331 22.25 24.84 17.14
C PRO A 331 21.60 23.51 16.82
N GLN A 332 21.10 23.34 15.60
CA GLN A 332 20.50 22.07 15.23
C GLN A 332 21.56 20.98 15.27
N VAL A 333 22.72 21.30 14.71
CA VAL A 333 23.81 20.34 14.58
C VAL A 333 24.40 19.99 15.95
N GLU A 334 24.58 20.98 16.81
CA GLU A 334 24.96 20.68 18.20
C GLU A 334 23.90 19.85 18.95
N LYS A 335 22.63 20.17 18.76
CA LYS A 335 21.58 19.36 19.34
C LYS A 335 21.61 17.91 18.83
N LYS A 336 21.76 17.71 17.51
CA LYS A 336 21.86 16.37 16.96
C LYS A 336 23.02 15.60 17.56
N LEU A 337 24.19 16.24 17.60
CA LEU A 337 25.40 15.61 18.15
C LEU A 337 25.27 15.19 19.62
N SER A 338 24.66 16.03 20.46
CA SER A 338 24.50 15.67 21.85
C SER A 338 23.55 14.51 21.99
N GLN A 339 22.47 14.48 21.20
CA GLN A 339 21.56 13.34 21.17
C GLN A 339 22.27 12.05 20.71
N MET A 340 23.06 12.12 19.65
CA MET A 340 23.80 10.94 19.17
C MET A 340 24.74 10.39 20.23
N ILE A 341 25.37 11.29 21.00
CA ILE A 341 26.23 10.90 22.09
C ILE A 341 25.41 10.30 23.23
N LEU A 342 24.30 10.95 23.59
CA LEU A 342 23.44 10.49 24.68
C LEU A 342 22.84 9.11 24.43
N ASP A 343 22.45 8.84 23.18
CA ASP A 343 21.91 7.53 22.76
C ASP A 343 22.97 6.51 22.30
N LYS A 344 24.25 6.80 22.56
CA LYS A 344 25.36 5.89 22.23
C LYS A 344 25.46 5.59 20.74
N LYS A 345 25.03 6.54 19.91
CA LYS A 345 25.17 6.41 18.45
C LYS A 345 26.51 6.94 17.97
N PHE A 346 27.27 7.55 18.88
CA PHE A 346 28.51 8.20 18.53
C PHE A 346 29.41 8.25 19.73
N SER A 347 30.64 7.80 19.58
CA SER A 347 31.52 7.75 20.72
C SER A 347 32.38 9.02 20.82
N GLY A 348 31.91 10.00 21.58
CA GLY A 348 32.58 11.31 21.66
C GLY A 348 32.01 12.17 22.76
N ILE A 349 32.50 13.40 22.89
CA ILE A 349 31.97 14.29 23.90
C ILE A 349 32.07 15.75 23.47
N LEU A 350 31.23 16.62 24.03
CA LEU A 350 31.12 17.99 23.53
C LEU A 350 31.64 19.05 24.49
N ASP A 351 32.44 19.99 23.99
CA ASP A 351 32.84 21.16 24.79
C ASP A 351 31.95 22.31 24.36
N GLN A 352 30.87 22.59 25.09
CA GLN A 352 29.74 23.32 24.54
C GLN A 352 29.97 24.81 24.48
N GLY A 353 31.06 25.24 25.09
CA GLY A 353 31.27 26.64 25.36
C GLY A 353 32.32 27.17 24.44
N GLU A 354 33.22 26.27 24.04
CA GLU A 354 34.24 26.59 23.02
C GLU A 354 33.93 25.87 21.68
N GLY A 355 32.71 25.31 21.59
CA GLY A 355 32.19 24.71 20.36
C GLY A 355 32.98 23.58 19.75
N VAL A 356 33.53 22.70 20.58
CA VAL A 356 34.30 21.59 20.06
C VAL A 356 33.67 20.23 20.42
N LEU A 357 33.72 19.32 19.47
CA LEU A 357 33.37 17.91 19.64
C LEU A 357 34.66 17.14 19.68
N ILE A 358 34.90 16.37 20.75
CA ILE A 358 36.03 15.47 20.85
C ILE A 358 35.52 14.09 20.45
N VAL A 359 36.29 13.40 19.61
CA VAL A 359 35.95 12.09 19.07
C VAL A 359 36.82 11.00 19.72
N PHE A 360 36.20 9.98 20.29
CA PHE A 360 37.00 8.95 20.98
C PHE A 360 37.45 7.85 20.02
N GLU A 361 38.67 7.36 20.23
CA GLU A 361 39.23 6.27 19.44
C GLU A 361 38.33 5.03 19.55
N GLU A 362 37.47 4.85 18.54
CA GLU A 362 36.51 3.74 18.49
C GLU A 362 37.22 2.40 18.24
C1 GOL B . 1.12 2.33 -1.58
O1 GOL B . 0.86 0.90 -1.43
C2 GOL B . 0.64 2.86 -3.00
O2 GOL B . 1.12 2.00 -4.09
C3 GOL B . 1.29 4.26 -3.21
O3 GOL B . 0.60 5.26 -2.48
C1 GOL C . 38.26 9.37 14.12
O1 GOL C . 37.26 10.32 13.73
C2 GOL C . 38.29 8.94 15.61
O2 GOL C . 38.13 7.54 15.59
C3 GOL C . 39.64 9.22 16.29
O3 GOL C . 39.57 9.86 17.57
S SO4 D . -31.23 -20.61 -10.31
O1 SO4 D . -31.10 -21.49 -11.49
O2 SO4 D . -31.33 -21.42 -9.10
O3 SO4 D . -30.07 -19.72 -10.23
O4 SO4 D . -32.43 -19.77 -10.46
S SO4 E . 27.61 16.71 -0.01
O1 SO4 E . 27.67 17.29 -1.36
O2 SO4 E . 27.31 15.29 -0.18
O3 SO4 E . 28.91 16.92 0.64
O4 SO4 E . 26.57 17.38 0.76
#